data_8IYU
#
_entry.id   8IYU
#
_cell.length_a   67.180
_cell.length_b   67.180
_cell.length_c   84.110
_cell.angle_alpha   90.00
_cell.angle_beta   90.00
_cell.angle_gamma   90.00
#
_symmetry.space_group_name_H-M   'P 41'
#
loop_
_entity.id
_entity.type
_entity.pdbx_description
1 polymer 'Sirohydrochlorin cobaltochelatase'
2 non-polymer 'NICKEL (II) ION'
3 water water
#
_entity_poly.entity_id   1
_entity_poly.type   'polypeptide(L)'
_entity_poly.pdbx_seq_one_letter_code
;MEALVLVGHGTRLPYSKELLVKLAEKVKERNLFPIVEIGLMEFSEPTIPQAVKKAIEQGAKRIIVVPVFLAHGIHTTRDI
PRLLGLIEDNHEHHHEHSHHHHHHHHHEHEKLEIPEDVEIIYREPIGADDRIVDIIIDRAFGR
;
_entity_poly.pdbx_strand_id   A,B
#
loop_
_chem_comp.id
_chem_comp.type
_chem_comp.name
_chem_comp.formula
NI non-polymer 'NICKEL (II) ION' 'Ni 2'
#
# COMPACT_ATOMS: atom_id res chain seq x y z
N MET A 1 17.34 8.00 20.91
CA MET A 1 17.00 9.42 20.79
C MET A 1 16.10 9.63 19.57
N GLU A 2 16.04 8.65 18.68
CA GLU A 2 15.20 8.76 17.50
C GLU A 2 14.36 7.51 17.34
N ALA A 3 13.13 7.68 16.86
CA ALA A 3 12.19 6.58 16.75
C ALA A 3 11.65 6.54 15.33
N LEU A 4 11.37 5.32 14.88
CA LEU A 4 10.64 5.11 13.65
C LEU A 4 9.22 4.68 14.01
N VAL A 5 8.23 5.46 13.58
CA VAL A 5 6.82 5.13 13.79
C VAL A 5 6.21 4.83 12.42
N LEU A 6 5.80 3.57 12.21
CA LEU A 6 5.12 3.16 10.97
C LEU A 6 3.61 3.28 11.19
N VAL A 7 2.91 3.97 10.29
CA VAL A 7 1.46 4.12 10.45
C VAL A 7 0.75 3.55 9.23
N GLY A 8 -0.32 2.82 9.50
CA GLY A 8 -1.10 2.22 8.44
C GLY A 8 -2.57 2.57 8.59
N HIS A 9 -3.33 2.22 7.56
CA HIS A 9 -4.74 2.61 7.51
C HIS A 9 -5.52 1.98 8.66
N GLY A 10 -5.37 0.67 8.85
CA GLY A 10 -6.13 -0.07 9.85
C GLY A 10 -7.42 -0.56 9.22
N THR A 11 -7.81 -1.80 9.51
CA THR A 11 -9.02 -2.38 8.95
C THR A 11 -9.75 -3.16 10.02
N ARG A 12 -11.01 -3.46 9.73
CA ARG A 12 -11.75 -4.40 10.58
C ARG A 12 -11.11 -5.78 10.53
N LEU A 13 -10.69 -6.22 9.35
CA LEU A 13 -9.94 -7.45 9.25
C LEU A 13 -8.55 -7.24 9.88
N PRO A 14 -7.92 -8.30 10.39
CA PRO A 14 -6.65 -8.12 11.10
C PRO A 14 -5.44 -7.98 10.18
N TYR A 15 -5.58 -8.22 8.88
CA TYR A 15 -4.46 -8.34 7.95
C TYR A 15 -3.62 -7.07 7.88
N SER A 16 -4.28 -5.90 7.96
CA SER A 16 -3.57 -4.61 7.91
C SER A 16 -2.62 -4.45 9.09
N LYS A 17 -3.14 -4.72 10.30
CA LYS A 17 -2.29 -4.65 11.48
C LYS A 17 -1.19 -5.70 11.43
N GLU A 18 -1.52 -6.92 11.03
CA GLU A 18 -0.51 -7.97 10.96
C GLU A 18 0.63 -7.55 10.03
N LEU A 19 0.28 -6.90 8.92
CA LEU A 19 1.26 -6.37 7.99
C LEU A 19 2.20 -5.40 8.69
N LEU A 20 1.63 -4.39 9.39
CA LEU A 20 2.51 -3.42 10.04
C LEU A 20 3.38 -4.08 11.10
N VAL A 21 2.84 -5.05 11.83
CA VAL A 21 3.62 -5.73 12.86
C VAL A 21 4.80 -6.45 12.22
N LYS A 22 4.58 -7.18 11.11
CA LYS A 22 5.71 -7.87 10.46
C LYS A 22 6.73 -6.88 9.90
N LEU A 23 6.24 -5.79 9.31
CA LEU A 23 7.20 -4.81 8.81
C LEU A 23 8.05 -4.25 9.95
N ALA A 24 7.41 -3.87 11.08
CA ALA A 24 8.17 -3.36 12.22
C ALA A 24 9.18 -4.38 12.72
N GLU A 25 8.78 -5.66 12.79
CA GLU A 25 9.71 -6.70 13.20
C GLU A 25 10.93 -6.75 12.28
N LYS A 26 10.70 -6.66 10.96
CA LYS A 26 11.82 -6.68 10.02
C LYS A 26 12.72 -5.44 10.18
N VAL A 27 12.11 -4.28 10.43
CA VAL A 27 12.91 -3.07 10.62
C VAL A 27 13.79 -3.22 11.85
N LYS A 28 13.22 -3.74 12.95
CA LYS A 28 13.96 -3.93 14.19
C LYS A 28 15.13 -4.87 13.97
N GLU A 29 14.95 -5.87 13.10
CA GLU A 29 16.05 -6.77 12.77
C GLU A 29 17.18 -6.03 12.04
N ARG A 30 16.87 -4.93 11.36
CA ARG A 30 17.97 -4.21 10.69
C ARG A 30 18.87 -3.39 11.65
N ASN A 31 18.45 -3.19 12.91
CA ASN A 31 19.25 -2.44 13.89
C ASN A 31 19.57 -1.01 13.41
N LEU A 32 18.55 -0.29 12.97
CA LEU A 32 18.71 1.09 12.51
C LEU A 32 18.20 2.13 13.51
N PHE A 33 17.17 1.81 14.30
CA PHE A 33 16.60 2.76 15.24
C PHE A 33 16.52 2.14 16.63
N PRO A 34 16.78 2.92 17.68
CA PRO A 34 16.60 2.41 19.04
C PRO A 34 15.17 2.05 19.35
N ILE A 35 14.20 2.78 18.77
CA ILE A 35 12.78 2.68 19.07
C ILE A 35 12.01 2.54 17.76
N VAL A 36 11.18 1.49 17.66
CA VAL A 36 10.31 1.23 16.50
C VAL A 36 8.91 0.94 17.00
N GLU A 37 7.90 1.63 16.46
CA GLU A 37 6.52 1.46 16.91
C GLU A 37 5.58 1.48 15.72
N ILE A 38 4.40 0.86 15.87
CA ILE A 38 3.37 0.93 14.84
C ILE A 38 2.13 1.63 15.40
N GLY A 39 1.38 2.25 14.50
CA GLY A 39 0.09 2.82 14.84
C GLY A 39 -0.88 2.66 13.68
N LEU A 40 -2.15 2.44 13.99
CA LEU A 40 -3.14 2.30 12.95
C LEU A 40 -4.08 3.49 13.02
N MET A 41 -4.40 4.06 11.86
CA MET A 41 -5.27 5.21 11.82
C MET A 41 -6.66 4.90 12.38
N GLU A 42 -7.21 3.73 12.04
CA GLU A 42 -8.59 3.39 12.36
C GLU A 42 -8.70 1.91 12.73
N PHE A 43 -9.75 1.59 13.49
CA PHE A 43 -10.26 0.25 13.77
C PHE A 43 -9.42 -0.58 14.73
N SER A 44 -8.15 -0.27 14.90
CA SER A 44 -7.25 -1.13 15.65
C SER A 44 -6.39 -0.29 16.58
N GLU A 45 -5.84 -0.97 17.57
CA GLU A 45 -4.81 -0.46 18.48
C GLU A 45 -3.50 -1.19 18.22
N PRO A 46 -2.35 -0.53 18.39
CA PRO A 46 -2.13 0.85 18.85
C PRO A 46 -2.66 1.89 17.86
N THR A 47 -3.26 2.96 18.37
CA THR A 47 -3.58 4.08 17.50
C THR A 47 -2.31 4.87 17.19
N ILE A 48 -2.41 5.81 16.24
CA ILE A 48 -1.26 6.66 15.92
C ILE A 48 -0.84 7.53 17.12
N PRO A 49 -1.76 8.21 17.82
CA PRO A 49 -1.34 8.91 19.05
C PRO A 49 -0.67 7.99 20.07
N GLN A 50 -1.21 6.78 20.28
CA GLN A 50 -0.59 5.83 21.21
C GLN A 50 0.85 5.48 20.77
N ALA A 51 1.08 5.28 19.47
CA ALA A 51 2.42 4.94 18.99
C ALA A 51 3.40 6.08 19.24
N VAL A 52 3.00 7.30 18.90
CA VAL A 52 3.88 8.45 19.11
C VAL A 52 4.15 8.67 20.60
N LYS A 53 3.10 8.56 21.44
CA LYS A 53 3.30 8.72 22.87
C LYS A 53 4.22 7.64 23.42
N LYS A 54 4.10 6.42 22.90
CA LYS A 54 4.96 5.34 23.34
C LYS A 54 6.43 5.62 22.96
N ALA A 55 6.65 6.16 21.74
CA ALA A 55 8.00 6.54 21.33
C ALA A 55 8.57 7.63 22.22
N ILE A 56 7.77 8.65 22.53
CA ILE A 56 8.22 9.72 23.41
C ILE A 56 8.54 9.18 24.79
N GLU A 57 7.73 8.22 25.27
CA GLU A 57 7.92 7.67 26.61
C GLU A 57 9.23 6.91 26.71
N GLN A 58 9.68 6.32 25.61
CA GLN A 58 10.91 5.56 25.59
C GLN A 58 12.15 6.44 25.42
N GLY A 59 11.98 7.75 25.31
CA GLY A 59 13.11 8.66 25.25
C GLY A 59 13.42 9.26 23.89
N ALA A 60 12.61 9.00 22.88
CA ALA A 60 12.90 9.52 21.55
C ALA A 60 12.67 11.03 21.52
N LYS A 61 13.63 11.76 20.93
CA LYS A 61 13.47 13.19 20.70
C LYS A 61 13.21 13.55 19.24
N ARG A 62 13.46 12.62 18.31
CA ARG A 62 13.15 12.80 16.91
C ARG A 62 12.26 11.64 16.49
N ILE A 63 11.02 11.94 16.08
CA ILE A 63 10.02 10.92 15.76
C ILE A 63 9.83 10.95 14.26
N ILE A 64 10.35 9.93 13.57
CA ILE A 64 10.21 9.81 12.12
C ILE A 64 8.96 8.99 11.86
N VAL A 65 7.94 9.62 11.27
CA VAL A 65 6.65 8.95 10.99
C VAL A 65 6.60 8.61 9.51
N VAL A 66 6.51 7.33 9.19
CA VAL A 66 6.43 6.88 7.80
C VAL A 66 5.02 6.33 7.56
N PRO A 67 4.24 6.92 6.63
CA PRO A 67 2.92 6.36 6.25
C PRO A 67 3.11 5.15 5.33
N VAL A 68 2.78 3.97 5.86
CA VAL A 68 2.80 2.74 5.06
C VAL A 68 1.51 2.70 4.26
N PHE A 69 1.48 3.55 3.25
CA PHE A 69 0.40 3.72 2.29
C PHE A 69 1.04 3.70 0.90
N LEU A 70 0.33 3.16 -0.09
CA LEU A 70 0.93 3.12 -1.44
C LEU A 70 0.95 4.52 -2.05
N ALA A 71 -0.11 5.29 -1.87
CA ALA A 71 -0.21 6.58 -2.55
C ALA A 71 -0.72 7.61 -1.56
N HIS A 72 -0.51 8.87 -1.91
CA HIS A 72 -1.12 9.93 -1.12
C HIS A 72 -2.63 9.82 -1.22
N GLY A 73 -3.29 10.28 -0.19
CA GLY A 73 -4.73 10.39 -0.20
C GLY A 73 -5.14 11.26 0.97
N ILE A 74 -6.45 11.35 1.18
CA ILE A 74 -6.94 12.21 2.26
C ILE A 74 -6.37 11.80 3.61
N HIS A 75 -6.04 10.52 3.80
CA HIS A 75 -5.51 10.13 5.11
C HIS A 75 -4.09 10.64 5.31
N THR A 76 -3.28 10.68 4.24
CA THR A 76 -1.91 11.16 4.41
C THR A 76 -1.81 12.68 4.31
N THR A 77 -2.72 13.36 3.60
CA THR A 77 -2.67 14.82 3.52
C THR A 77 -3.41 15.51 4.67
N ARG A 78 -4.43 14.86 5.23
CA ARG A 78 -5.25 15.47 6.27
C ARG A 78 -5.29 14.66 7.57
N ASP A 79 -5.79 13.43 7.56
CA ASP A 79 -6.14 12.77 8.82
C ASP A 79 -4.90 12.52 9.68
N ILE A 80 -3.87 11.91 9.10
CA ILE A 80 -2.65 11.61 9.86
C ILE A 80 -1.93 12.91 10.23
N PRO A 81 -1.74 13.88 9.33
CA PRO A 81 -1.10 15.14 9.77
C PRO A 81 -1.85 15.80 10.90
N ARG A 82 -3.17 15.69 10.93
CA ARG A 82 -3.96 16.24 12.01
C ARG A 82 -3.68 15.51 13.32
N LEU A 83 -3.73 14.17 13.30
CA LEU A 83 -3.41 13.38 14.49
C LEU A 83 -2.00 13.68 15.00
N LEU A 84 -1.09 14.07 14.13
CA LEU A 84 0.27 14.42 14.51
C LEU A 84 0.41 15.88 14.91
N GLY A 85 -0.66 16.66 14.85
CA GLY A 85 -0.58 18.07 15.14
C GLY A 85 0.22 18.89 14.15
N LEU A 86 0.44 18.40 12.92
CA LEU A 86 1.20 19.15 11.93
C LEU A 86 0.35 20.16 11.16
N ILE A 87 -0.99 20.04 11.19
CA ILE A 87 -1.88 20.98 10.53
C ILE A 87 -3.01 21.30 11.50
N GLU A 88 -3.66 22.44 11.27
CA GLU A 88 -4.74 22.76 12.18
C GLU A 88 -5.85 21.73 12.16
N ASP A 89 -6.54 21.61 13.29
CA ASP A 89 -7.69 20.72 13.41
C ASP A 89 -8.98 21.53 13.38
N LEU A 112 -3.09 14.40 21.64
CA LEU A 112 -1.64 14.21 21.53
C LEU A 112 -0.88 15.50 21.80
N GLU A 113 -0.23 15.55 22.97
CA GLU A 113 0.67 16.64 23.34
C GLU A 113 2.08 16.23 22.98
N ILE A 114 2.72 16.95 22.07
CA ILE A 114 4.11 16.70 21.72
C ILE A 114 4.98 17.64 22.55
N PRO A 115 5.97 17.15 23.27
CA PRO A 115 6.86 18.07 23.95
C PRO A 115 7.66 18.95 23.01
N GLU A 116 8.10 20.03 23.66
CA GLU A 116 8.94 21.14 23.21
C GLU A 116 10.21 20.64 22.53
N ASP A 117 11.00 19.81 23.24
CA ASP A 117 12.20 19.11 22.77
C ASP A 117 11.94 17.91 21.84
N VAL A 118 10.69 17.56 21.51
CA VAL A 118 10.42 16.47 20.57
C VAL A 118 10.03 17.06 19.20
N GLU A 119 10.53 16.46 18.12
CA GLU A 119 10.14 16.89 16.77
C GLU A 119 9.59 15.72 15.96
N ILE A 120 8.47 15.95 15.28
CA ILE A 120 7.90 14.97 14.37
C ILE A 120 8.45 15.24 12.97
N ILE A 121 8.94 14.18 12.33
CA ILE A 121 9.44 14.23 10.96
C ILE A 121 8.50 13.34 10.16
N TYR A 122 7.62 13.95 9.38
CA TYR A 122 6.58 13.21 8.66
C TYR A 122 7.06 12.90 7.24
N ARG A 123 7.19 11.62 6.89
CA ARG A 123 7.80 11.21 5.63
C ARG A 123 6.73 10.92 4.55
N GLU A 124 7.21 10.54 3.35
CA GLU A 124 6.36 10.31 2.18
C GLU A 124 5.89 8.87 2.13
N PRO A 125 4.77 8.61 1.45
CA PRO A 125 4.31 7.21 1.30
C PRO A 125 5.17 6.43 0.31
N ILE A 126 4.76 5.19 0.05
CA ILE A 126 5.54 4.28 -0.79
C ILE A 126 5.68 4.82 -2.21
N GLY A 127 4.56 5.01 -2.90
CA GLY A 127 4.62 5.55 -4.27
C GLY A 127 5.05 4.51 -5.29
N ALA A 128 5.28 4.98 -6.51
CA ALA A 128 5.50 4.08 -7.65
C ALA A 128 6.98 3.69 -7.75
N ASP A 129 7.48 3.11 -6.65
CA ASP A 129 8.89 2.73 -6.55
C ASP A 129 9.21 1.57 -7.50
N ASP A 130 10.37 1.63 -8.14
CA ASP A 130 10.81 0.49 -8.97
C ASP A 130 10.73 -0.84 -8.20
N ARG A 131 10.93 -0.80 -6.88
CA ARG A 131 10.85 -2.03 -6.10
C ARG A 131 9.42 -2.55 -5.98
N ILE A 132 8.42 -1.66 -6.01
CA ILE A 132 7.03 -2.10 -6.11
C ILE A 132 6.80 -2.81 -7.44
N VAL A 133 7.39 -2.31 -8.53
CA VAL A 133 7.27 -3.01 -9.81
C VAL A 133 7.87 -4.40 -9.70
N ASP A 134 9.06 -4.52 -9.08
CA ASP A 134 9.66 -5.84 -8.87
C ASP A 134 8.69 -6.76 -8.13
N ILE A 135 8.10 -6.25 -7.03
CA ILE A 135 7.17 -7.07 -6.24
C ILE A 135 6.00 -7.52 -7.08
N ILE A 136 5.38 -6.58 -7.79
CA ILE A 136 4.20 -6.87 -8.60
C ILE A 136 4.49 -7.96 -9.62
N ILE A 137 5.67 -7.91 -10.25
CA ILE A 137 6.02 -8.95 -11.22
C ILE A 137 6.16 -10.31 -10.54
N ASP A 138 6.84 -10.36 -9.39
CA ASP A 138 6.84 -11.59 -8.60
C ASP A 138 5.41 -12.08 -8.34
N ARG A 139 4.52 -11.18 -7.86
CA ARG A 139 3.15 -11.60 -7.56
C ARG A 139 2.46 -12.11 -8.82
N ALA A 140 2.69 -11.45 -9.95
CA ALA A 140 2.07 -11.85 -11.22
C ALA A 140 2.43 -13.29 -11.57
N PHE A 141 3.63 -13.71 -11.21
CA PHE A 141 4.06 -15.08 -11.48
C PHE A 141 3.89 -15.99 -10.27
N GLY A 142 3.08 -15.59 -9.27
CA GLY A 142 2.85 -16.46 -8.14
C GLY A 142 3.99 -16.59 -7.17
N ARG A 143 4.98 -15.71 -7.25
CA ARG A 143 6.09 -15.67 -6.30
C ARG A 143 5.98 -14.49 -5.35
N MET B 1 -1.13 -13.03 -25.88
CA MET B 1 -2.06 -14.07 -25.40
C MET B 1 -2.29 -13.97 -23.90
N GLU B 2 -1.45 -13.22 -23.20
CA GLU B 2 -1.60 -13.09 -21.76
C GLU B 2 -1.50 -11.63 -21.37
N ALA B 3 -2.29 -11.25 -20.37
CA ALA B 3 -2.41 -9.85 -19.98
C ALA B 3 -2.12 -9.75 -18.49
N LEU B 4 -1.52 -8.64 -18.10
CA LEU B 4 -1.38 -8.26 -16.71
C LEU B 4 -2.37 -7.14 -16.42
N VAL B 5 -3.28 -7.37 -15.49
CA VAL B 5 -4.24 -6.34 -15.08
C VAL B 5 -3.88 -5.95 -13.65
N LEU B 6 -3.46 -4.70 -13.44
CA LEU B 6 -3.20 -4.18 -12.09
C LEU B 6 -4.45 -3.50 -11.57
N VAL B 7 -4.89 -3.86 -10.35
CA VAL B 7 -6.09 -3.24 -9.80
C VAL B 7 -5.76 -2.56 -8.48
N GLY B 8 -6.28 -1.34 -8.32
CA GLY B 8 -6.06 -0.58 -7.12
C GLY B 8 -7.39 -0.14 -6.54
N HIS B 9 -7.31 0.41 -5.33
CA HIS B 9 -8.52 0.77 -4.60
C HIS B 9 -9.32 1.84 -5.33
N GLY B 10 -8.65 2.91 -5.75
CA GLY B 10 -9.30 4.07 -6.36
C GLY B 10 -9.69 5.05 -5.26
N THR B 11 -9.50 6.35 -5.48
CA THR B 11 -9.85 7.38 -4.50
C THR B 11 -10.47 8.56 -5.22
N ARG B 12 -11.12 9.42 -4.44
CA ARG B 12 -11.58 10.71 -4.97
C ARG B 12 -10.39 11.55 -5.39
N LEU B 13 -9.33 11.57 -4.58
CA LEU B 13 -8.10 12.22 -5.02
C LEU B 13 -7.50 11.43 -6.19
N PRO B 14 -6.75 12.10 -7.06
CA PRO B 14 -6.24 11.41 -8.26
C PRO B 14 -5.04 10.53 -8.01
N TYR B 15 -4.43 10.64 -6.83
CA TYR B 15 -3.12 10.03 -6.56
C TYR B 15 -3.15 8.50 -6.71
N SER B 16 -4.26 7.86 -6.34
CA SER B 16 -4.34 6.40 -6.43
C SER B 16 -4.25 5.95 -7.89
N LYS B 17 -5.04 6.56 -8.77
CA LYS B 17 -4.97 6.20 -10.18
C LYS B 17 -3.61 6.57 -10.76
N GLU B 18 -3.06 7.74 -10.40
CA GLU B 18 -1.76 8.14 -10.95
C GLU B 18 -0.68 7.11 -10.60
N LEU B 19 -0.70 6.60 -9.36
CA LEU B 19 0.20 5.51 -8.97
C LEU B 19 0.07 4.31 -9.90
N LEU B 20 -1.16 3.84 -10.10
CA LEU B 20 -1.38 2.66 -10.94
C LEU B 20 -0.92 2.90 -12.36
N VAL B 21 -1.15 4.12 -12.87
CA VAL B 21 -0.71 4.47 -14.22
C VAL B 21 0.81 4.40 -14.30
N LYS B 22 1.50 4.97 -13.31
CA LYS B 22 2.96 4.95 -13.34
C LYS B 22 3.51 3.52 -13.22
N LEU B 23 2.92 2.71 -12.35
CA LEU B 23 3.35 1.32 -12.24
C LEU B 23 3.18 0.55 -13.55
N ALA B 24 2.00 0.67 -14.19
CA ALA B 24 1.78 -0.01 -15.46
C ALA B 24 2.77 0.44 -16.51
N GLU B 25 3.06 1.75 -16.57
CA GLU B 25 4.06 2.23 -17.52
C GLU B 25 5.40 1.58 -17.25
N LYS B 26 5.80 1.47 -15.97
CA LYS B 26 7.07 0.83 -15.68
C LYS B 26 7.06 -0.64 -16.06
N VAL B 27 5.92 -1.33 -15.86
CA VAL B 27 5.83 -2.75 -16.24
C VAL B 27 5.99 -2.90 -17.74
N LYS B 28 5.32 -2.02 -18.51
CA LYS B 28 5.37 -2.08 -19.96
C LYS B 28 6.80 -1.94 -20.47
N GLU B 29 7.61 -1.11 -19.78
CA GLU B 29 9.03 -0.98 -20.16
C GLU B 29 9.82 -2.27 -19.95
N ARG B 30 9.36 -3.17 -19.08
CA ARG B 30 10.09 -4.42 -18.88
C ARG B 30 9.89 -5.42 -20.01
N ASN B 31 8.90 -5.20 -20.88
CA ASN B 31 8.63 -6.09 -22.02
C ASN B 31 8.39 -7.52 -21.55
N LEU B 32 7.49 -7.67 -20.59
CA LEU B 32 7.13 -8.98 -20.04
C LEU B 32 5.77 -9.47 -20.52
N PHE B 33 4.84 -8.57 -20.79
CA PHE B 33 3.49 -8.95 -21.16
C PHE B 33 3.07 -8.25 -22.44
N PRO B 34 2.34 -8.96 -23.30
CA PRO B 34 1.79 -8.32 -24.50
C PRO B 34 0.84 -7.19 -24.16
N ILE B 35 0.05 -7.39 -23.11
CA ILE B 35 -1.06 -6.51 -22.76
C ILE B 35 -0.96 -6.15 -21.29
N VAL B 36 -1.02 -4.85 -20.97
CA VAL B 36 -0.98 -4.35 -19.59
C VAL B 36 -2.11 -3.34 -19.43
N GLU B 37 -2.93 -3.50 -18.38
CA GLU B 37 -4.06 -2.60 -18.16
C GLU B 37 -4.20 -2.32 -16.67
N ILE B 38 -4.83 -1.18 -16.33
CA ILE B 38 -5.13 -0.86 -14.93
C ILE B 38 -6.66 -0.77 -14.76
N GLY B 39 -7.11 -1.04 -13.55
CA GLY B 39 -8.51 -0.83 -13.19
C GLY B 39 -8.60 -0.38 -11.75
N LEU B 40 -9.57 0.50 -11.46
CA LEU B 40 -9.72 0.98 -10.10
C LEU B 40 -11.05 0.44 -9.56
N MET B 41 -11.02 -0.04 -8.32
CA MET B 41 -12.20 -0.62 -7.71
C MET B 41 -13.33 0.41 -7.59
N GLU B 42 -12.98 1.64 -7.18
CA GLU B 42 -13.99 2.66 -6.88
C GLU B 42 -13.52 4.02 -7.37
N PHE B 43 -14.50 4.91 -7.59
CA PHE B 43 -14.31 6.35 -7.79
C PHE B 43 -13.74 6.73 -9.15
N SER B 44 -13.05 5.84 -9.83
CA SER B 44 -12.32 6.22 -11.03
C SER B 44 -12.52 5.21 -12.13
N GLU B 45 -12.24 5.64 -13.35
CA GLU B 45 -12.17 4.86 -14.56
C GLU B 45 -10.72 4.79 -15.04
N PRO B 46 -10.27 3.69 -15.64
CA PRO B 46 -11.03 2.47 -15.94
C PRO B 46 -11.46 1.72 -14.69
N THR B 47 -12.68 1.18 -14.70
CA THR B 47 -13.04 0.28 -13.63
C THR B 47 -12.37 -1.06 -13.86
N ILE B 48 -12.48 -1.96 -12.87
CA ILE B 48 -11.92 -3.32 -13.00
C ILE B 48 -12.62 -4.10 -14.13
N PRO B 49 -13.95 -4.14 -14.22
CA PRO B 49 -14.57 -4.81 -15.40
C PRO B 49 -14.09 -4.23 -16.73
N GLN B 50 -13.99 -2.91 -16.84
CA GLN B 50 -13.48 -2.29 -18.07
C GLN B 50 -12.05 -2.75 -18.39
N ALA B 51 -11.18 -2.85 -17.37
CA ALA B 51 -9.80 -3.26 -17.60
C ALA B 51 -9.73 -4.68 -18.14
N VAL B 52 -10.48 -5.59 -17.51
CA VAL B 52 -10.50 -6.98 -17.96
C VAL B 52 -11.08 -7.10 -19.37
N LYS B 53 -12.15 -6.34 -19.65
CA LYS B 53 -12.73 -6.36 -20.99
C LYS B 53 -11.75 -5.86 -22.04
N LYS B 54 -10.99 -4.80 -21.73
CA LYS B 54 -10.02 -4.33 -22.70
C LYS B 54 -8.96 -5.39 -22.97
N ALA B 55 -8.49 -6.08 -21.91
CA ALA B 55 -7.51 -7.14 -22.09
C ALA B 55 -8.06 -8.25 -22.98
N ILE B 56 -9.31 -8.65 -22.74
CA ILE B 56 -9.93 -9.69 -23.55
C ILE B 56 -10.07 -9.22 -24.99
N GLU B 57 -10.45 -7.95 -25.19
CA GLU B 57 -10.64 -7.44 -26.54
C GLU B 57 -9.31 -7.38 -27.28
N GLN B 58 -8.20 -7.18 -26.56
CA GLN B 58 -6.90 -7.14 -27.23
C GLN B 58 -6.34 -8.51 -27.52
N GLY B 59 -7.06 -9.58 -27.16
CA GLY B 59 -6.68 -10.94 -27.52
C GLY B 59 -6.14 -11.80 -26.38
N ALA B 60 -6.17 -11.32 -25.14
CA ALA B 60 -5.64 -12.10 -24.03
C ALA B 60 -6.55 -13.28 -23.73
N LYS B 61 -5.95 -14.45 -23.57
CA LYS B 61 -6.66 -15.64 -23.11
C LYS B 61 -6.27 -16.01 -21.68
N ARG B 62 -5.19 -15.44 -21.14
CA ARG B 62 -4.75 -15.63 -19.77
C ARG B 62 -4.64 -14.24 -19.16
N ILE B 63 -5.50 -13.93 -18.18
CA ILE B 63 -5.56 -12.60 -17.60
C ILE B 63 -5.09 -12.69 -16.16
N ILE B 64 -3.89 -12.18 -15.91
CA ILE B 64 -3.28 -12.20 -14.58
C ILE B 64 -3.67 -10.90 -13.90
N VAL B 65 -4.47 -11.02 -12.83
CA VAL B 65 -4.95 -9.87 -12.06
C VAL B 65 -4.12 -9.76 -10.78
N VAL B 66 -3.41 -8.65 -10.61
CA VAL B 66 -2.59 -8.43 -9.43
C VAL B 66 -3.22 -7.30 -8.61
N PRO B 67 -3.63 -7.57 -7.35
CA PRO B 67 -4.14 -6.50 -6.48
C PRO B 67 -3.00 -5.65 -5.93
N VAL B 68 -2.94 -4.40 -6.38
CA VAL B 68 -1.93 -3.45 -5.89
C VAL B 68 -2.48 -2.88 -4.59
N PHE B 69 -2.47 -3.74 -3.58
CA PHE B 69 -2.89 -3.45 -2.22
C PHE B 69 -1.77 -3.94 -1.30
N LEU B 70 -1.57 -3.25 -0.18
CA LEU B 70 -0.50 -3.68 0.73
C LEU B 70 -0.88 -4.97 1.45
N ALA B 71 -2.12 -5.08 1.87
CA ALA B 71 -2.55 -6.20 2.70
C ALA B 71 -3.89 -6.71 2.20
N HIS B 72 -4.20 -7.93 2.57
CA HIS B 72 -5.53 -8.43 2.31
C HIS B 72 -6.53 -7.60 3.10
N GLY B 73 -7.74 -7.53 2.56
CA GLY B 73 -8.85 -6.92 3.25
C GLY B 73 -10.11 -7.31 2.52
N ILE B 74 -11.22 -6.72 2.95
CA ILE B 74 -12.50 -7.09 2.35
C ILE B 74 -12.50 -6.85 0.83
N HIS B 75 -11.71 -5.88 0.33
CA HIS B 75 -11.69 -5.62 -1.11
C HIS B 75 -10.98 -6.73 -1.87
N THR B 76 -9.92 -7.29 -1.29
CA THR B 76 -9.23 -8.35 -2.01
C THR B 76 -9.88 -9.72 -1.79
N THR B 77 -10.57 -9.94 -0.65
CA THR B 77 -11.22 -11.23 -0.42
C THR B 77 -12.64 -11.30 -0.98
N ARG B 78 -13.35 -10.17 -1.07
CA ARG B 78 -14.74 -10.18 -1.52
C ARG B 78 -14.98 -9.29 -2.73
N ASP B 79 -14.73 -7.98 -2.64
CA ASP B 79 -15.23 -7.06 -3.66
C ASP B 79 -14.59 -7.33 -5.03
N ILE B 80 -13.27 -7.41 -5.08
CA ILE B 80 -12.59 -7.65 -6.36
C ILE B 80 -12.87 -9.06 -6.87
N PRO B 81 -12.80 -10.11 -6.05
CA PRO B 81 -13.17 -11.44 -6.57
C PRO B 81 -14.58 -11.52 -7.11
N ARG B 82 -15.52 -10.76 -6.54
CA ARG B 82 -16.87 -10.71 -7.08
C ARG B 82 -16.88 -10.05 -8.45
N LEU B 83 -16.26 -8.87 -8.57
CA LEU B 83 -16.19 -8.18 -9.87
C LEU B 83 -15.55 -9.07 -10.93
N LEU B 84 -14.66 -9.97 -10.53
CA LEU B 84 -14.00 -10.89 -11.43
C LEU B 84 -14.79 -12.17 -11.65
N GLY B 85 -15.97 -12.30 -11.04
CA GLY B 85 -16.75 -13.52 -11.17
C GLY B 85 -16.13 -14.74 -10.53
N LEU B 86 -15.19 -14.56 -9.60
CA LEU B 86 -14.57 -15.72 -8.94
C LEU B 86 -15.37 -16.23 -7.76
N ILE B 87 -16.31 -15.45 -7.24
CA ILE B 87 -17.18 -15.87 -6.16
C ILE B 87 -18.61 -15.43 -6.44
N GLU B 88 -19.55 -16.12 -5.81
CA GLU B 88 -20.96 -15.81 -5.96
C GLU B 88 -21.32 -14.43 -5.41
N ASP B 89 -22.35 -13.83 -6.03
CA ASP B 89 -22.93 -12.52 -5.68
C ASP B 89 -22.12 -11.39 -6.29
N PRO B 115 -16.99 -13.39 -18.84
CA PRO B 115 -15.82 -14.06 -19.39
C PRO B 115 -16.13 -15.35 -20.09
N GLU B 116 -15.14 -15.70 -20.90
CA GLU B 116 -15.16 -16.72 -21.93
C GLU B 116 -14.41 -17.99 -21.50
N ASP B 117 -13.84 -18.68 -22.50
CA ASP B 117 -12.76 -19.67 -22.38
C ASP B 117 -11.40 -18.97 -21.98
N VAL B 118 -11.55 -17.67 -21.71
CA VAL B 118 -10.48 -16.89 -21.13
C VAL B 118 -10.33 -17.32 -19.68
N GLU B 119 -9.12 -17.27 -19.15
CA GLU B 119 -8.85 -17.67 -17.78
C GLU B 119 -8.38 -16.48 -16.94
N ILE B 120 -9.03 -16.28 -15.80
CA ILE B 120 -8.62 -15.26 -14.84
C ILE B 120 -7.70 -15.92 -13.80
N ILE B 121 -6.54 -15.32 -13.59
CA ILE B 121 -5.58 -15.78 -12.59
C ILE B 121 -5.40 -14.64 -11.58
N TYR B 122 -5.98 -14.82 -10.40
CA TYR B 122 -6.02 -13.77 -9.39
C TYR B 122 -4.85 -13.96 -8.43
N ARG B 123 -3.96 -12.98 -8.36
CA ARG B 123 -2.71 -13.12 -7.60
C ARG B 123 -2.85 -12.48 -6.21
N GLU B 124 -1.75 -12.54 -5.43
CA GLU B 124 -1.74 -12.09 -4.04
C GLU B 124 -1.36 -10.62 -3.96
N PRO B 125 -1.73 -9.93 -2.86
CA PRO B 125 -1.29 -8.53 -2.69
C PRO B 125 0.19 -8.42 -2.33
N ILE B 126 0.65 -7.20 -2.08
CA ILE B 126 2.06 -6.94 -1.83
C ILE B 126 2.55 -7.64 -0.57
N GLY B 127 1.94 -7.36 0.59
CA GLY B 127 2.35 -8.00 1.83
C GLY B 127 3.66 -7.43 2.36
N ALA B 128 4.17 -8.09 3.41
CA ALA B 128 5.31 -7.59 4.17
C ALA B 128 6.62 -8.01 3.50
N ASP B 129 6.74 -7.63 2.22
CA ASP B 129 7.91 -8.02 1.42
C ASP B 129 9.16 -7.32 1.95
N ASP B 130 10.27 -8.05 1.98
CA ASP B 130 11.55 -7.43 2.35
C ASP B 130 11.82 -6.15 1.56
N ARG B 131 11.32 -6.07 0.32
CA ARG B 131 11.50 -4.87 -0.49
C ARG B 131 10.66 -3.69 0.01
N ILE B 132 9.50 -3.96 0.60
CA ILE B 132 8.76 -2.89 1.27
C ILE B 132 9.55 -2.38 2.46
N VAL B 133 10.24 -3.27 3.19
CA VAL B 133 11.11 -2.78 4.27
C VAL B 133 12.19 -1.86 3.71
N ASP B 134 12.81 -2.26 2.59
CA ASP B 134 13.82 -1.40 1.95
C ASP B 134 13.23 -0.02 1.62
N ILE B 135 12.04 0.01 0.99
CA ILE B 135 11.43 1.30 0.62
C ILE B 135 11.19 2.15 1.86
N ILE B 136 10.61 1.55 2.89
CA ILE B 136 10.28 2.25 4.12
C ILE B 136 11.51 2.90 4.74
N ILE B 137 12.64 2.17 4.73
CA ILE B 137 13.88 2.73 5.28
C ILE B 137 14.33 3.94 4.47
N ASP B 138 14.26 3.85 3.14
CA ASP B 138 14.52 5.04 2.31
C ASP B 138 13.60 6.19 2.70
N ARG B 139 12.28 5.93 2.80
CA ARG B 139 11.35 7.00 3.14
C ARG B 139 11.67 7.57 4.51
N ALA B 140 12.04 6.72 5.46
CA ALA B 140 12.37 7.21 6.80
C ALA B 140 13.48 8.25 6.76
N PHE B 141 14.42 8.11 5.83
CA PHE B 141 15.51 9.06 5.69
C PHE B 141 15.29 10.06 4.57
N GLY B 142 14.04 10.20 4.09
CA GLY B 142 13.81 11.20 3.06
C GLY B 142 14.34 10.84 1.68
N ARG B 143 14.64 9.57 1.43
CA ARG B 143 15.03 9.15 0.09
C ARG B 143 13.93 8.32 -0.54
NI NI C . -9.92 5.05 3.87
NI NI D . -11.95 0.80 1.11
#